data_6IGY
#
_entry.id   6IGY
#
_cell.length_a   62.095
_cell.length_b   74.956
_cell.length_c   99.195
_cell.angle_alpha   90.00
_cell.angle_beta   90.00
_cell.angle_gamma   90.00
#
_symmetry.space_group_name_H-M   'P 21 21 21'
#
loop_
_entity.id
_entity.type
_entity.pdbx_description
1 polymer 'Glycosyl hydrolases family 18 family protein'
2 water water
#
_entity_poly.entity_id   1
_entity_poly.type   'polypeptide(L)'
_entity_poly.pdbx_seq_one_letter_code
;GIPPHKLVARNTSAEYKSIAYFVNWAIYGRNHNPQDIPIDKLTHILYAFANVRANGEVYLSDPWSDIDKRFPGDSWSDTG
NNVYGCVKQLNLLKQKNRNLKVLLSIGGWTYSSNFVTPASTDQGRKTFASSAVKLLADLGFDGLDIDWEYPANEAQATDM
VLLLREIREELDEYGREHGNGTHFLLSIATSAGPSKYNTLHISSMNLYLDFWNLMAYDYAGSWDATAGHQANLYPLRDDP
VSTPFNTDQAISAYLTAGVPAHKLILGMPLYGRAFTNTDGPGKPFNGVGQGSWENGVWDYKALPPAGASVSELRSIGASY
SYDAGKKTMISYDTPAVARQKADYIRSKGLGGAMWWETSGDKVGVESLISTVVDSLGGIGALDKSVNHLEYPESQYDNVK
KGFHHHHHHH
;
_entity_poly.pdbx_strand_id   A
#
# COMPACT_ATOMS: atom_id res chain seq x y z
N SER A 13 7.61 -24.12 4.56
CA SER A 13 8.02 -22.75 4.29
C SER A 13 6.83 -21.96 3.75
N ALA A 14 6.48 -20.88 4.45
CA ALA A 14 5.14 -20.29 4.28
C ALA A 14 5.06 -19.29 3.13
N GLU A 15 6.15 -18.58 2.84
CA GLU A 15 6.22 -17.64 1.72
C GLU A 15 5.19 -16.52 1.84
N TYR A 16 5.26 -15.80 2.96
CA TYR A 16 4.46 -14.60 3.13
C TYR A 16 5.04 -13.45 2.31
N LYS A 17 4.15 -12.59 1.83
CA LYS A 17 4.57 -11.37 1.15
C LYS A 17 4.76 -10.26 2.18
N SER A 18 5.74 -9.40 1.91
CA SER A 18 6.06 -8.26 2.76
C SER A 18 6.06 -7.04 1.83
N ILE A 19 4.97 -6.27 1.84
CA ILE A 19 4.70 -5.27 0.82
C ILE A 19 4.69 -3.89 1.45
N ALA A 20 5.27 -2.91 0.76
CA ALA A 20 5.28 -1.56 1.31
C ALA A 20 5.12 -0.52 0.20
N TYR A 21 4.44 0.57 0.53
CA TYR A 21 4.31 1.69 -0.39
C TYR A 21 5.51 2.60 -0.29
N PHE A 22 6.10 2.95 -1.42
CA PHE A 22 7.02 4.06 -1.52
C PHE A 22 6.36 5.15 -2.35
N VAL A 23 6.15 6.32 -1.74
CA VAL A 23 5.48 7.43 -2.41
C VAL A 23 6.51 8.31 -3.10
N ASN A 24 6.21 8.75 -4.32
CA ASN A 24 7.24 9.44 -5.08
C ASN A 24 7.53 10.84 -4.55
N TRP A 25 6.70 11.37 -3.66
CA TRP A 25 7.01 12.63 -3.00
C TRP A 25 7.82 12.45 -1.72
N ALA A 26 8.20 11.22 -1.39
CA ALA A 26 9.04 11.00 -0.21
C ALA A 26 10.44 11.58 -0.39
N ILE A 27 10.90 11.77 -1.64
CA ILE A 27 12.24 12.31 -1.85
C ILE A 27 12.35 13.77 -1.46
N TYR A 28 11.23 14.44 -1.19
CA TYR A 28 11.28 15.86 -0.87
C TYR A 28 11.32 16.07 0.64
N GLY A 29 10.20 16.50 1.23
CA GLY A 29 10.20 16.82 2.65
C GLY A 29 10.62 15.66 3.52
N ARG A 30 10.15 14.46 3.22
CA ARG A 30 10.48 13.29 4.03
C ARG A 30 11.93 12.88 3.92
N ASN A 31 12.65 13.37 2.90
CA ASN A 31 14.06 13.05 2.71
C ASN A 31 14.28 11.54 2.67
N HIS A 32 13.40 10.84 1.96
CA HIS A 32 13.37 9.39 1.92
C HIS A 32 13.52 8.96 0.47
N ASN A 33 14.64 8.32 0.15
CA ASN A 33 14.99 7.95 -1.22
C ASN A 33 14.85 6.44 -1.43
N PRO A 34 14.73 5.98 -2.67
CA PRO A 34 14.63 4.53 -2.90
C PRO A 34 15.77 3.75 -2.29
N GLN A 35 16.95 4.35 -2.19
CA GLN A 35 18.08 3.68 -1.56
C GLN A 35 17.85 3.47 -0.07
N ASP A 36 16.88 4.16 0.53
CA ASP A 36 16.53 4.00 1.93
C ASP A 36 15.43 2.97 2.16
N ILE A 37 14.87 2.42 1.10
CA ILE A 37 13.78 1.44 1.24
C ILE A 37 14.35 0.17 1.89
N PRO A 38 13.68 -0.40 2.90
CA PRO A 38 14.22 -1.61 3.56
C PRO A 38 14.01 -2.87 2.73
N ILE A 39 14.70 -2.92 1.57
CA ILE A 39 14.42 -4.00 0.62
C ILE A 39 14.84 -5.36 1.13
N ASP A 40 15.71 -5.41 2.15
CA ASP A 40 16.11 -6.69 2.72
C ASP A 40 15.03 -7.30 3.61
N LYS A 41 13.89 -6.62 3.78
CA LYS A 41 12.77 -7.14 4.54
C LYS A 41 11.47 -7.11 3.74
N LEU A 42 11.53 -6.79 2.46
CA LEU A 42 10.35 -6.65 1.61
C LEU A 42 10.41 -7.60 0.44
N THR A 43 9.24 -8.04 -0.02
CA THR A 43 9.13 -8.79 -1.25
C THR A 43 8.50 -7.98 -2.38
N HIS A 44 7.73 -6.94 -2.07
CA HIS A 44 7.06 -6.12 -3.05
C HIS A 44 7.14 -4.65 -2.65
N ILE A 45 7.41 -3.79 -3.62
CA ILE A 45 7.30 -2.34 -3.46
C ILE A 45 6.15 -1.86 -4.34
N LEU A 46 5.26 -1.06 -3.75
CA LEU A 46 4.20 -0.39 -4.50
C LEU A 46 4.63 1.07 -4.71
N TYR A 47 4.93 1.42 -5.95
CA TYR A 47 5.41 2.76 -6.28
C TYR A 47 4.21 3.66 -6.63
N ALA A 48 3.99 4.68 -5.81
CA ALA A 48 2.76 5.46 -5.82
C ALA A 48 3.05 6.94 -6.02
N PHE A 49 2.19 7.65 -6.76
CA PHE A 49 1.05 7.12 -7.52
C PHE A 49 1.13 7.61 -8.95
N ALA A 50 0.70 6.80 -9.91
CA ALA A 50 0.39 7.30 -11.23
C ALA A 50 -1.04 7.85 -11.24
N ASN A 51 -1.30 8.79 -12.15
CA ASN A 51 -2.60 9.44 -12.26
C ASN A 51 -3.37 8.92 -13.46
N VAL A 52 -4.68 9.19 -13.46
CA VAL A 52 -5.60 8.72 -14.49
C VAL A 52 -6.34 9.92 -15.07
N ARG A 53 -6.22 10.12 -16.39
CA ARG A 53 -7.01 11.16 -17.05
C ARG A 53 -8.44 10.69 -17.28
N ALA A 54 -9.31 11.65 -17.59
CA ALA A 54 -10.71 11.31 -17.87
C ALA A 54 -10.84 10.45 -19.11
N ASN A 55 -9.93 10.58 -20.07
CA ASN A 55 -9.96 9.72 -21.25
C ASN A 55 -9.34 8.35 -20.98
N GLY A 56 -8.87 8.09 -19.77
CA GLY A 56 -8.32 6.81 -19.40
C GLY A 56 -6.80 6.73 -19.39
N GLU A 57 -6.11 7.75 -19.88
CA GLU A 57 -4.66 7.67 -19.96
C GLU A 57 -4.04 7.67 -18.58
N VAL A 58 -3.25 6.65 -18.28
CA VAL A 58 -2.45 6.59 -17.06
C VAL A 58 -1.11 7.24 -17.35
N TYR A 59 -0.65 8.10 -16.44
CA TYR A 59 0.58 8.84 -16.68
C TYR A 59 1.29 9.09 -15.36
N LEU A 60 2.60 9.35 -15.45
CA LEU A 60 3.41 9.60 -14.27
C LEU A 60 3.10 10.98 -13.69
N SER A 61 2.89 11.03 -12.37
CA SER A 61 2.42 12.24 -11.72
C SER A 61 3.54 13.23 -11.42
N ASP A 62 4.79 12.79 -11.40
CA ASP A 62 5.92 13.65 -11.02
C ASP A 62 7.11 13.25 -11.86
N PRO A 63 7.25 13.84 -13.05
CA PRO A 63 8.35 13.43 -13.95
C PRO A 63 9.72 13.61 -13.32
N TRP A 64 9.91 14.63 -12.48
CA TRP A 64 11.19 14.83 -11.83
C TRP A 64 11.54 13.64 -10.93
N SER A 65 10.68 13.35 -9.95
CA SER A 65 10.94 12.24 -9.03
C SER A 65 10.96 10.92 -9.78
N ASP A 66 10.04 10.73 -10.73
CA ASP A 66 9.86 9.43 -11.35
C ASP A 66 11.00 9.08 -12.29
N ILE A 67 11.36 9.98 -13.21
CA ILE A 67 12.26 9.57 -14.29
C ILE A 67 13.37 10.57 -14.60
N ASP A 68 13.29 11.79 -14.07
CA ASP A 68 14.21 12.84 -14.50
C ASP A 68 15.31 13.17 -13.52
N LYS A 69 15.06 13.03 -12.21
CA LYS A 69 16.06 13.42 -11.22
C LYS A 69 17.33 12.58 -11.35
N ARG A 70 18.48 13.24 -11.26
CA ARG A 70 19.77 12.56 -11.36
C ARG A 70 20.29 12.27 -9.96
N PHE A 71 20.32 10.99 -9.60
CA PHE A 71 20.90 10.56 -8.33
C PHE A 71 22.41 10.45 -8.48
N PRO A 72 23.14 10.35 -7.36
CA PRO A 72 24.59 10.14 -7.47
C PRO A 72 24.89 8.92 -8.32
N GLY A 73 25.82 9.08 -9.25
CA GLY A 73 26.16 8.05 -10.20
C GLY A 73 25.46 8.16 -11.54
N ASP A 74 24.38 8.95 -11.61
CA ASP A 74 23.66 9.10 -12.87
C ASP A 74 24.41 10.02 -13.82
N SER A 75 24.27 9.74 -15.12
CA SER A 75 24.78 10.62 -16.15
C SER A 75 23.98 11.91 -16.17
N TRP A 76 24.60 12.98 -16.65
CA TRP A 76 23.94 14.27 -16.75
C TRP A 76 23.66 14.68 -18.19
N SER A 77 23.70 13.73 -19.11
CA SER A 77 23.27 14.01 -20.47
C SER A 77 21.76 14.17 -20.52
N ASP A 78 21.29 14.98 -21.47
CA ASP A 78 19.86 15.08 -21.66
C ASP A 78 19.54 15.01 -23.17
N THR A 79 19.74 13.82 -23.73
CA THR A 79 19.21 13.49 -25.05
C THR A 79 17.99 12.59 -24.96
N GLY A 80 17.48 12.34 -23.75
CA GLY A 80 16.21 11.67 -23.58
C GLY A 80 16.17 10.20 -23.93
N ASN A 81 17.33 9.55 -24.05
CA ASN A 81 17.35 8.14 -24.41
C ASN A 81 17.26 7.23 -23.20
N ASN A 82 17.42 7.74 -21.99
CA ASN A 82 17.56 6.91 -20.81
C ASN A 82 16.64 7.40 -19.69
N VAL A 83 16.29 6.49 -18.80
CA VAL A 83 15.44 6.79 -17.66
C VAL A 83 16.33 7.00 -16.45
N TYR A 84 15.92 7.93 -15.58
CA TYR A 84 16.62 8.16 -14.32
C TYR A 84 15.59 8.24 -13.19
N GLY A 85 15.77 9.17 -12.26
CA GLY A 85 14.79 9.30 -11.21
C GLY A 85 14.67 8.05 -10.34
N CYS A 86 13.55 7.98 -9.63
CA CYS A 86 13.32 6.82 -8.77
C CYS A 86 13.16 5.54 -9.57
N VAL A 87 12.68 5.64 -10.82
CA VAL A 87 12.45 4.43 -11.61
C VAL A 87 13.75 3.69 -11.86
N LYS A 88 14.81 4.41 -12.25
CA LYS A 88 16.09 3.75 -12.43
C LYS A 88 16.59 3.15 -11.12
N GLN A 89 16.45 3.89 -10.02
CA GLN A 89 16.88 3.38 -8.72
C GLN A 89 16.14 2.10 -8.35
N LEU A 90 14.83 2.05 -8.61
CA LEU A 90 14.08 0.85 -8.33
C LEU A 90 14.53 -0.31 -9.20
N ASN A 91 14.88 -0.04 -10.46
CA ASN A 91 15.42 -1.09 -11.32
C ASN A 91 16.75 -1.60 -10.79
N LEU A 92 17.59 -0.71 -10.28
CA LEU A 92 18.83 -1.14 -9.65
C LEU A 92 18.56 -2.02 -8.45
N LEU A 93 17.55 -1.67 -7.64
CA LEU A 93 17.21 -2.50 -6.49
C LEU A 93 16.72 -3.87 -6.91
N LYS A 94 15.93 -3.94 -7.98
CA LYS A 94 15.49 -5.23 -8.52
C LYS A 94 16.67 -6.08 -8.94
N GLN A 95 17.76 -5.46 -9.42
CA GLN A 95 18.94 -6.22 -9.79
C GLN A 95 19.64 -6.81 -8.57
N LYS A 96 19.73 -6.04 -7.48
CA LYS A 96 20.44 -6.51 -6.30
C LYS A 96 19.65 -7.57 -5.56
N ASN A 97 18.31 -7.44 -5.55
CA ASN A 97 17.43 -8.32 -4.78
C ASN A 97 16.46 -8.96 -5.75
N ARG A 98 16.77 -10.19 -6.17
CA ARG A 98 16.02 -10.81 -7.25
C ARG A 98 14.62 -11.26 -6.82
N ASN A 99 14.29 -11.26 -5.54
CA ASN A 99 12.93 -11.57 -5.11
C ASN A 99 12.13 -10.30 -4.76
N LEU A 100 12.65 -9.14 -5.14
CA LEU A 100 11.97 -7.87 -4.91
C LEU A 100 11.20 -7.50 -6.17
N LYS A 101 9.87 -7.51 -6.08
CA LYS A 101 9.01 -7.11 -7.17
C LYS A 101 8.57 -5.67 -6.96
N VAL A 102 8.48 -4.91 -8.05
CA VAL A 102 8.10 -3.50 -7.99
C VAL A 102 6.88 -3.30 -8.87
N LEU A 103 5.80 -2.82 -8.26
CA LEU A 103 4.55 -2.56 -8.95
C LEU A 103 4.31 -1.06 -9.04
N LEU A 104 3.65 -0.64 -10.12
CA LEU A 104 3.22 0.74 -10.27
C LEU A 104 1.81 0.87 -9.70
N SER A 105 1.66 1.70 -8.67
CA SER A 105 0.36 1.93 -8.07
C SER A 105 -0.33 3.11 -8.76
N ILE A 106 -1.59 2.91 -9.15
CA ILE A 106 -2.33 3.86 -9.95
C ILE A 106 -3.53 4.36 -9.14
N GLY A 107 -3.61 5.69 -8.96
CA GLY A 107 -4.73 6.27 -8.24
C GLY A 107 -4.35 6.83 -6.89
N GLY A 108 -4.98 6.31 -5.83
CA GLY A 108 -4.74 6.80 -4.49
C GLY A 108 -5.63 7.97 -4.13
N TRP A 109 -5.56 8.36 -2.85
CA TRP A 109 -6.34 9.49 -2.35
C TRP A 109 -5.59 10.79 -2.62
N THR A 110 -5.53 11.14 -3.91
CA THR A 110 -4.75 12.27 -4.38
C THR A 110 -5.58 13.37 -5.02
N TYR A 111 -6.87 13.13 -5.29
CA TYR A 111 -7.72 14.04 -6.06
C TYR A 111 -7.18 14.30 -7.45
N SER A 112 -6.28 13.43 -7.94
CA SER A 112 -5.65 13.60 -9.24
C SER A 112 -6.08 12.57 -10.26
N SER A 113 -7.00 11.67 -9.91
CA SER A 113 -7.36 10.55 -10.78
C SER A 113 -8.86 10.48 -10.96
N ASN A 114 -9.30 10.31 -12.21
CA ASN A 114 -10.69 10.04 -12.54
C ASN A 114 -10.79 8.59 -13.00
N PHE A 115 -11.30 7.73 -12.13
CA PHE A 115 -11.57 6.35 -12.49
C PHE A 115 -12.97 6.18 -13.08
N VAL A 116 -13.95 6.93 -12.58
CA VAL A 116 -15.35 6.68 -12.90
C VAL A 116 -15.60 6.84 -14.39
N THR A 117 -15.08 7.92 -14.98
CA THR A 117 -15.35 8.18 -16.39
C THR A 117 -14.70 7.14 -17.30
N PRO A 118 -13.38 6.87 -17.23
CA PRO A 118 -12.80 5.89 -18.17
C PRO A 118 -13.32 4.49 -17.97
N ALA A 119 -13.53 4.07 -16.72
CA ALA A 119 -13.94 2.70 -16.46
C ALA A 119 -15.35 2.40 -16.95
N SER A 120 -16.11 3.42 -17.36
CA SER A 120 -17.50 3.22 -17.75
C SER A 120 -17.68 2.94 -19.23
N THR A 121 -16.64 3.06 -20.05
CA THR A 121 -16.73 2.73 -21.46
C THR A 121 -15.61 1.78 -21.85
N ASP A 122 -15.89 0.96 -22.85
CA ASP A 122 -14.88 0.01 -23.36
C ASP A 122 -13.62 0.74 -23.82
N GLN A 123 -13.80 1.88 -24.50
CA GLN A 123 -12.68 2.66 -25.02
C GLN A 123 -11.84 3.24 -23.87
N GLY A 124 -12.51 3.74 -22.84
CA GLY A 124 -11.79 4.24 -21.68
C GLY A 124 -10.97 3.16 -21.02
N ARG A 125 -11.55 1.97 -20.86
CA ARG A 125 -10.85 0.88 -20.19
C ARG A 125 -9.68 0.38 -21.02
N LYS A 126 -9.80 0.40 -22.34
CA LYS A 126 -8.68 -0.04 -23.18
C LYS A 126 -7.58 1.02 -23.20
N THR A 127 -7.93 2.29 -23.13
CA THR A 127 -6.91 3.34 -23.02
C THR A 127 -6.18 3.24 -21.69
N PHE A 128 -6.91 2.99 -20.60
CA PHE A 128 -6.27 2.72 -19.30
C PHE A 128 -5.32 1.55 -19.40
N ALA A 129 -5.81 0.41 -19.89
CA ALA A 129 -5.00 -0.80 -19.87
C ALA A 129 -3.76 -0.66 -20.75
N SER A 130 -3.91 -0.08 -21.95
CA SER A 130 -2.78 0.00 -22.86
C SER A 130 -1.74 1.00 -22.37
N SER A 131 -2.18 2.14 -21.83
CA SER A 131 -1.22 3.13 -21.34
C SER A 131 -0.50 2.65 -20.09
N ALA A 132 -1.17 1.88 -19.24
CA ALA A 132 -0.53 1.36 -18.04
C ALA A 132 0.48 0.28 -18.37
N VAL A 133 0.13 -0.61 -19.31
CA VAL A 133 1.07 -1.66 -19.71
C VAL A 133 2.26 -1.06 -20.44
N LYS A 134 2.06 0.02 -21.20
CA LYS A 134 3.19 0.70 -21.82
C LYS A 134 4.12 1.27 -20.76
N LEU A 135 3.55 1.85 -19.70
CA LEU A 135 4.38 2.32 -18.59
C LEU A 135 5.16 1.16 -17.98
N LEU A 136 4.51 0.01 -17.78
CA LEU A 136 5.20 -1.16 -17.24
C LEU A 136 6.31 -1.62 -18.16
N ALA A 137 6.05 -1.62 -19.48
CA ALA A 137 7.02 -2.11 -20.43
C ALA A 137 8.19 -1.15 -20.58
N ASP A 138 7.95 0.15 -20.41
CA ASP A 138 9.01 1.15 -20.55
C ASP A 138 9.87 1.25 -19.30
N LEU A 139 9.25 1.10 -18.12
CA LEU A 139 9.91 1.48 -16.87
C LEU A 139 10.38 0.30 -16.05
N GLY A 140 10.04 -0.92 -16.42
CA GLY A 140 10.57 -2.09 -15.75
C GLY A 140 9.82 -2.54 -14.51
N PHE A 141 8.50 -2.41 -14.52
CA PHE A 141 7.68 -2.82 -13.39
C PHE A 141 7.30 -4.29 -13.49
N ASP A 142 7.12 -4.92 -12.33
CA ASP A 142 6.68 -6.31 -12.26
C ASP A 142 5.17 -6.45 -12.29
N GLY A 143 4.43 -5.35 -12.13
CA GLY A 143 2.99 -5.44 -12.16
C GLY A 143 2.37 -4.08 -11.95
N LEU A 144 1.05 -4.10 -11.78
CA LEU A 144 0.26 -2.89 -11.58
C LEU A 144 -0.60 -3.07 -10.35
N ASP A 145 -0.79 -1.97 -9.61
CA ASP A 145 -1.59 -1.94 -8.40
C ASP A 145 -2.66 -0.87 -8.55
N ILE A 146 -3.92 -1.27 -8.54
CA ILE A 146 -5.02 -0.35 -8.81
C ILE A 146 -5.57 0.18 -7.49
N ASP A 147 -5.64 1.51 -7.35
CA ASP A 147 -5.99 2.17 -6.10
C ASP A 147 -7.16 3.13 -6.36
N TRP A 148 -8.31 2.57 -6.69
CA TRP A 148 -9.53 3.34 -6.92
C TRP A 148 -10.30 3.40 -5.60
N GLU A 149 -10.40 4.60 -5.04
CA GLU A 149 -11.01 4.82 -3.73
C GLU A 149 -12.18 5.79 -3.87
N TYR A 150 -13.41 5.29 -4.02
CA TYR A 150 -13.76 3.87 -4.13
C TYR A 150 -14.95 3.77 -5.08
N PRO A 151 -15.18 2.59 -5.66
CA PRO A 151 -16.44 2.38 -6.40
C PRO A 151 -17.65 2.67 -5.52
N ALA A 152 -18.53 3.55 -6.00
CA ALA A 152 -19.55 4.15 -5.14
C ALA A 152 -20.95 3.60 -5.37
N ASN A 153 -21.17 2.81 -6.42
CA ASN A 153 -22.48 2.25 -6.68
C ASN A 153 -22.30 0.98 -7.50
N GLU A 154 -23.43 0.34 -7.84
CA GLU A 154 -23.35 -0.92 -8.56
C GLU A 154 -22.75 -0.73 -9.96
N ALA A 155 -23.09 0.37 -10.63
CA ALA A 155 -22.56 0.61 -11.97
C ALA A 155 -21.04 0.69 -11.94
N GLN A 156 -20.49 1.45 -10.99
CA GLN A 156 -19.04 1.54 -10.86
C GLN A 156 -18.43 0.23 -10.42
N ALA A 157 -19.16 -0.57 -9.62
CA ALA A 157 -18.65 -1.86 -9.19
C ALA A 157 -18.48 -2.81 -10.36
N THR A 158 -19.45 -2.83 -11.28
CA THR A 158 -19.30 -3.61 -12.49
C THR A 158 -18.19 -3.05 -13.37
N ASP A 159 -18.09 -1.73 -13.46
CA ASP A 159 -17.02 -1.11 -14.24
C ASP A 159 -15.65 -1.47 -13.68
N MET A 160 -15.55 -1.60 -12.36
CA MET A 160 -14.30 -2.05 -11.76
C MET A 160 -13.93 -3.45 -12.21
N VAL A 161 -14.93 -4.34 -12.31
CA VAL A 161 -14.66 -5.70 -12.79
C VAL A 161 -14.19 -5.66 -14.24
N LEU A 162 -14.89 -4.90 -15.09
CA LEU A 162 -14.53 -4.82 -16.49
C LEU A 162 -13.16 -4.16 -16.68
N LEU A 163 -12.82 -3.19 -15.83
CA LEU A 163 -11.50 -2.56 -15.93
C LEU A 163 -10.40 -3.55 -15.57
N LEU A 164 -10.56 -4.26 -14.45
CA LEU A 164 -9.58 -5.27 -14.06
C LEU A 164 -9.42 -6.34 -15.13
N ARG A 165 -10.55 -6.76 -15.73
CA ARG A 165 -10.47 -7.77 -16.78
C ARG A 165 -9.67 -7.27 -17.97
N GLU A 166 -9.89 -6.01 -18.38
CA GLU A 166 -9.17 -5.45 -19.51
C GLU A 166 -7.68 -5.35 -19.21
N ILE A 167 -7.32 -4.87 -18.02
CA ILE A 167 -5.92 -4.79 -17.64
C ILE A 167 -5.29 -6.16 -17.63
N ARG A 168 -5.98 -7.15 -17.05
CA ARG A 168 -5.46 -8.51 -17.00
C ARG A 168 -5.19 -9.05 -18.40
N GLU A 169 -6.14 -8.86 -19.33
CA GLU A 169 -5.96 -9.33 -20.69
C GLU A 169 -4.73 -8.71 -21.35
N GLU A 170 -4.54 -7.40 -21.17
CA GLU A 170 -3.42 -6.74 -21.82
C GLU A 170 -2.10 -7.08 -21.15
N LEU A 171 -2.09 -7.24 -19.83
CA LEU A 171 -0.90 -7.74 -19.14
C LEU A 171 -0.54 -9.14 -19.61
N ASP A 172 -1.53 -10.01 -19.79
CA ASP A 172 -1.27 -11.37 -20.25
C ASP A 172 -0.69 -11.36 -21.66
N GLU A 173 -1.24 -10.53 -22.54
CA GLU A 173 -0.74 -10.46 -23.90
C GLU A 173 0.69 -9.92 -23.92
N TYR A 174 0.96 -8.89 -23.12
CA TYR A 174 2.32 -8.37 -23.02
C TYR A 174 3.27 -9.46 -22.52
N GLY A 175 2.85 -10.20 -21.48
CA GLY A 175 3.71 -11.24 -20.95
C GLY A 175 3.99 -12.33 -21.97
N ARG A 176 2.99 -12.68 -22.77
CA ARG A 176 3.17 -13.71 -23.79
C ARG A 176 4.18 -13.28 -24.85
N GLU A 177 4.03 -12.06 -25.36
CA GLU A 177 4.81 -11.62 -26.51
C GLU A 177 6.14 -10.99 -26.13
N HIS A 178 6.23 -10.34 -24.97
CA HIS A 178 7.45 -9.63 -24.60
C HIS A 178 7.96 -9.96 -23.20
N GLY A 179 7.36 -10.90 -22.49
CA GLY A 179 7.80 -11.21 -21.15
C GLY A 179 8.30 -12.62 -21.01
N ASN A 180 8.49 -13.32 -22.14
CA ASN A 180 8.91 -14.72 -22.15
C ASN A 180 7.95 -15.58 -21.32
N GLY A 181 6.65 -15.27 -21.41
CA GLY A 181 5.65 -16.00 -20.67
C GLY A 181 5.50 -15.61 -19.21
N THR A 182 6.07 -14.50 -18.78
CA THR A 182 5.97 -14.09 -17.39
C THR A 182 4.55 -13.67 -17.04
N HIS A 183 4.08 -14.11 -15.87
CA HIS A 183 2.81 -13.66 -15.32
C HIS A 183 3.07 -12.38 -14.53
N PHE A 184 2.82 -11.24 -15.15
CA PHE A 184 2.96 -9.97 -14.44
C PHE A 184 1.77 -9.78 -13.51
N LEU A 185 2.00 -9.03 -12.43
CA LEU A 185 1.08 -8.98 -11.32
C LEU A 185 0.02 -7.90 -11.50
N LEU A 186 -1.14 -8.14 -10.89
CA LEU A 186 -2.21 -7.14 -10.83
C LEU A 186 -2.83 -7.23 -9.45
N SER A 187 -2.70 -6.15 -8.67
CA SER A 187 -3.21 -6.12 -7.31
C SER A 187 -4.10 -4.90 -7.14
N ILE A 188 -4.71 -4.79 -5.97
CA ILE A 188 -5.63 -3.69 -5.67
C ILE A 188 -5.49 -3.33 -4.21
N ALA A 189 -5.64 -2.05 -3.90
CA ALA A 189 -5.87 -1.60 -2.53
C ALA A 189 -7.38 -1.58 -2.31
N THR A 190 -7.84 -2.27 -1.28
CA THR A 190 -9.27 -2.43 -1.07
C THR A 190 -9.65 -2.03 0.34
N SER A 191 -10.94 -1.72 0.51
CA SER A 191 -11.41 -1.09 1.73
C SER A 191 -11.78 -2.12 2.80
N ALA A 192 -11.66 -1.70 4.05
CA ALA A 192 -12.10 -2.48 5.20
C ALA A 192 -13.43 -2.00 5.75
N GLY A 193 -14.01 -0.95 5.18
CA GLY A 193 -15.29 -0.45 5.62
C GLY A 193 -16.44 -1.17 4.95
N PRO A 194 -17.38 -1.70 5.76
CA PRO A 194 -18.47 -2.49 5.18
C PRO A 194 -19.26 -1.77 4.11
N SER A 195 -19.59 -0.48 4.30
CA SER A 195 -20.36 0.24 3.30
C SER A 195 -19.64 0.29 1.96
N LYS A 196 -18.30 0.21 1.98
CA LYS A 196 -17.53 0.25 0.76
C LYS A 196 -17.35 -1.15 0.15
N TYR A 197 -16.92 -2.13 0.93
CA TYR A 197 -16.66 -3.44 0.33
C TYR A 197 -17.95 -4.19 0.01
N ASN A 198 -19.07 -3.86 0.65
CA ASN A 198 -20.34 -4.47 0.26
C ASN A 198 -20.81 -3.97 -1.09
N THR A 199 -20.30 -2.83 -1.56
CA THR A 199 -20.64 -2.35 -2.90
C THR A 199 -19.90 -3.14 -3.99
N LEU A 200 -18.74 -3.70 -3.67
CA LEU A 200 -17.92 -4.38 -4.67
C LEU A 200 -18.53 -5.72 -5.07
N HIS A 201 -18.23 -6.14 -6.30
CA HIS A 201 -18.49 -7.51 -6.75
C HIS A 201 -17.20 -8.29 -6.53
N ILE A 202 -17.05 -8.79 -5.30
CA ILE A 202 -15.74 -9.25 -4.84
C ILE A 202 -15.30 -10.49 -5.60
N SER A 203 -16.17 -11.49 -5.72
CA SER A 203 -15.77 -12.72 -6.40
C SER A 203 -15.47 -12.47 -7.87
N SER A 204 -16.18 -11.54 -8.50
CA SER A 204 -15.91 -11.22 -9.90
C SER A 204 -14.55 -10.54 -10.06
N MET A 205 -14.22 -9.59 -9.18
CA MET A 205 -12.92 -8.94 -9.25
C MET A 205 -11.80 -9.94 -9.00
N ASN A 206 -12.02 -10.89 -8.09
CA ASN A 206 -10.97 -11.81 -7.66
C ASN A 206 -10.43 -12.66 -8.81
N LEU A 207 -11.21 -12.84 -9.88
CA LEU A 207 -10.75 -13.62 -11.03
C LEU A 207 -9.47 -13.04 -11.63
N TYR A 208 -9.29 -11.73 -11.56
CA TYR A 208 -8.23 -11.05 -12.28
C TYR A 208 -7.12 -10.53 -11.38
N LEU A 209 -7.20 -10.77 -10.08
CA LEU A 209 -6.27 -10.18 -9.13
C LEU A 209 -5.33 -11.23 -8.56
N ASP A 210 -4.07 -10.84 -8.37
CA ASP A 210 -3.12 -11.74 -7.72
C ASP A 210 -3.22 -11.65 -6.20
N PHE A 211 -3.48 -10.46 -5.66
CA PHE A 211 -3.72 -10.33 -4.23
C PHE A 211 -4.45 -9.02 -3.96
N TRP A 212 -5.05 -8.96 -2.76
CA TRP A 212 -5.81 -7.81 -2.29
C TRP A 212 -5.07 -7.20 -1.10
N ASN A 213 -4.70 -5.92 -1.22
CA ASN A 213 -4.07 -5.20 -0.12
C ASN A 213 -5.17 -4.52 0.69
N LEU A 214 -5.48 -5.09 1.85
CA LEU A 214 -6.55 -4.56 2.69
C LEU A 214 -6.07 -3.34 3.46
N MET A 215 -6.69 -2.20 3.22
CA MET A 215 -6.31 -0.95 3.90
C MET A 215 -6.93 -0.96 5.29
N ALA A 216 -6.30 -1.73 6.18
CA ALA A 216 -6.81 -1.96 7.53
C ALA A 216 -6.30 -0.90 8.49
N TYR A 217 -6.64 0.35 8.19
CA TYR A 217 -6.26 1.49 9.02
C TYR A 217 -7.20 2.64 8.71
N ASP A 218 -6.94 3.79 9.35
CA ASP A 218 -7.80 4.97 9.26
C ASP A 218 -9.24 4.66 9.71
N TYR A 219 -9.39 3.78 10.70
CA TYR A 219 -10.72 3.47 11.22
C TYR A 219 -11.30 4.60 12.02
N ALA A 220 -10.47 5.50 12.55
CA ALA A 220 -10.91 6.61 13.37
C ALA A 220 -10.03 7.81 13.07
N GLY A 221 -10.58 9.01 13.26
CA GLY A 221 -9.84 10.21 12.93
C GLY A 221 -10.64 11.47 13.18
N SER A 222 -10.21 12.53 12.51
CA SER A 222 -10.76 13.87 12.75
C SER A 222 -12.26 13.94 12.46
N TRP A 223 -12.76 13.09 11.56
CA TRP A 223 -14.17 13.08 11.21
C TRP A 223 -15.07 12.54 12.31
N ASP A 224 -14.50 12.03 13.39
CA ASP A 224 -15.29 11.40 14.45
C ASP A 224 -15.64 12.41 15.54
N ALA A 225 -16.57 12.01 16.40
CA ALA A 225 -16.91 12.76 17.60
C ALA A 225 -16.23 12.23 18.85
N THR A 226 -15.92 10.94 18.88
CA THR A 226 -15.22 10.30 19.98
C THR A 226 -13.91 9.73 19.48
N ALA A 227 -12.91 9.71 20.37
CA ALA A 227 -11.63 9.13 20.01
C ALA A 227 -11.75 7.62 19.86
N GLY A 228 -10.93 7.05 18.98
CA GLY A 228 -11.03 5.64 18.68
C GLY A 228 -9.74 5.07 18.15
N HIS A 229 -9.71 3.74 18.11
CA HIS A 229 -8.57 3.01 17.57
C HIS A 229 -8.66 2.98 16.05
N GLN A 230 -7.53 3.23 15.38
CA GLN A 230 -7.55 3.41 13.93
C GLN A 230 -7.24 2.14 13.14
N ALA A 231 -6.82 1.05 13.78
CA ALA A 231 -6.40 -0.13 13.03
C ALA A 231 -6.53 -1.44 13.80
N ASN A 232 -7.50 -1.51 14.72
CA ASN A 232 -7.61 -2.65 15.62
C ASN A 232 -8.04 -3.91 14.86
N LEU A 233 -7.55 -5.06 15.34
CA LEU A 233 -7.92 -6.35 14.76
C LEU A 233 -9.38 -6.70 15.06
N TYR A 234 -9.80 -6.55 16.31
CA TYR A 234 -11.08 -7.05 16.79
C TYR A 234 -11.91 -5.93 17.41
N PRO A 235 -13.23 -6.07 17.42
CA PRO A 235 -14.06 -5.06 18.09
C PRO A 235 -13.88 -5.16 19.60
N LEU A 236 -14.02 -4.01 20.26
CA LEU A 236 -13.97 -3.96 21.72
C LEU A 236 -15.40 -4.08 22.23
N ARG A 237 -15.81 -5.32 22.49
CA ARG A 237 -17.20 -5.56 22.89
C ARG A 237 -17.55 -4.90 24.21
N ASP A 238 -16.55 -4.70 25.09
CA ASP A 238 -16.80 -4.01 26.35
C ASP A 238 -17.16 -2.55 26.15
N ASP A 239 -16.74 -1.95 25.03
CA ASP A 239 -16.95 -0.52 24.77
C ASP A 239 -16.88 -0.28 23.26
N PRO A 240 -17.94 -0.60 22.51
CA PRO A 240 -17.82 -0.65 21.04
C PRO A 240 -17.60 0.70 20.39
N VAL A 241 -17.97 1.81 21.04
CA VAL A 241 -17.78 3.12 20.41
C VAL A 241 -16.31 3.43 20.19
N SER A 242 -15.42 2.82 20.96
CA SER A 242 -13.99 3.05 20.75
C SER A 242 -13.44 2.27 19.57
N THR A 243 -14.21 1.34 18.98
CA THR A 243 -13.78 0.60 17.80
C THR A 243 -14.86 0.71 16.73
N PRO A 244 -14.92 1.85 16.03
CA PRO A 244 -15.92 1.98 14.95
C PRO A 244 -15.80 0.92 13.88
N PHE A 245 -14.60 0.39 13.66
CA PHE A 245 -14.38 -0.69 12.71
C PHE A 245 -13.44 -1.71 13.34
N ASN A 246 -13.25 -2.82 12.63
CA ASN A 246 -12.29 -3.83 13.04
C ASN A 246 -11.90 -4.66 11.82
N THR A 247 -10.63 -5.07 11.78
CA THR A 247 -10.11 -5.79 10.61
C THR A 247 -10.81 -7.13 10.44
N ASP A 248 -11.06 -7.85 11.53
CA ASP A 248 -11.57 -9.22 11.42
C ASP A 248 -12.90 -9.27 10.68
N GLN A 249 -13.76 -8.27 10.90
CA GLN A 249 -15.03 -8.21 10.17
C GLN A 249 -14.79 -8.11 8.68
N ALA A 250 -13.82 -7.31 8.25
CA ALA A 250 -13.53 -7.18 6.83
C ALA A 250 -12.92 -8.46 6.27
N ILE A 251 -11.99 -9.08 6.99
CA ILE A 251 -11.38 -10.32 6.51
C ILE A 251 -12.45 -11.39 6.32
N SER A 252 -13.37 -11.51 7.26
CA SER A 252 -14.45 -12.49 7.11
C SER A 252 -15.33 -12.18 5.91
N ALA A 253 -15.55 -10.89 5.61
CA ALA A 253 -16.38 -10.53 4.47
C ALA A 253 -15.72 -10.92 3.15
N TYR A 254 -14.42 -10.66 3.01
CA TYR A 254 -13.74 -11.04 1.77
C TYR A 254 -13.64 -12.56 1.65
N LEU A 255 -13.36 -13.24 2.77
CA LEU A 255 -13.34 -14.70 2.76
C LEU A 255 -14.70 -15.26 2.34
N THR A 256 -15.77 -14.72 2.90
CA THR A 256 -17.11 -15.24 2.60
C THR A 256 -17.47 -15.03 1.14
N ALA A 257 -17.05 -13.90 0.56
CA ALA A 257 -17.32 -13.60 -0.84
C ALA A 257 -16.48 -14.43 -1.81
N GLY A 258 -15.57 -15.26 -1.30
CA GLY A 258 -14.85 -16.20 -2.14
C GLY A 258 -13.36 -15.93 -2.34
N VAL A 259 -12.79 -14.94 -1.68
CA VAL A 259 -11.36 -14.67 -1.82
C VAL A 259 -10.58 -15.65 -0.94
N PRO A 260 -9.64 -16.41 -1.50
CA PRO A 260 -8.79 -17.27 -0.66
C PRO A 260 -7.98 -16.45 0.33
N ALA A 261 -7.79 -17.02 1.52
CA ALA A 261 -7.10 -16.30 2.58
C ALA A 261 -5.71 -15.87 2.15
N HIS A 262 -4.99 -16.72 1.41
CA HIS A 262 -3.62 -16.40 1.02
C HIS A 262 -3.54 -15.27 0.00
N LYS A 263 -4.67 -14.80 -0.54
CA LYS A 263 -4.68 -13.64 -1.42
C LYS A 263 -5.01 -12.35 -0.68
N LEU A 264 -5.20 -12.41 0.63
CA LEU A 264 -5.50 -11.23 1.44
C LEU A 264 -4.23 -10.79 2.15
N ILE A 265 -3.83 -9.55 1.90
CA ILE A 265 -2.64 -8.95 2.51
C ILE A 265 -3.11 -7.93 3.55
N LEU A 266 -2.58 -8.04 4.77
CA LEU A 266 -3.02 -7.19 5.88
C LEU A 266 -2.25 -5.87 5.85
N GLY A 267 -2.94 -4.80 5.45
CA GLY A 267 -2.32 -3.49 5.47
C GLY A 267 -2.20 -2.97 6.90
N MET A 268 -1.13 -2.25 7.17
CA MET A 268 -0.83 -1.76 8.51
C MET A 268 -0.23 -0.38 8.42
N PRO A 269 -0.51 0.49 9.40
CA PRO A 269 -0.03 1.87 9.35
C PRO A 269 1.35 2.05 9.95
N LEU A 270 2.19 2.81 9.24
CA LEU A 270 3.45 3.31 9.80
C LEU A 270 3.29 4.75 10.28
N TYR A 271 2.17 5.02 10.96
CA TYR A 271 1.83 6.36 11.39
C TYR A 271 0.76 6.25 12.48
N GLY A 272 0.56 7.34 13.20
CA GLY A 272 -0.46 7.40 14.22
C GLY A 272 -1.44 8.52 13.95
N ARG A 273 -2.67 8.32 14.42
CA ARG A 273 -3.72 9.34 14.34
C ARG A 273 -4.02 9.87 15.74
N ALA A 274 -3.96 11.19 15.89
CA ALA A 274 -4.05 11.85 17.18
C ALA A 274 -5.44 12.41 17.44
N PHE A 275 -5.78 12.53 18.73
CA PHE A 275 -7.00 13.16 19.20
C PHE A 275 -6.65 14.03 20.39
N THR A 276 -7.04 15.30 20.35
CA THR A 276 -6.72 16.23 21.42
C THR A 276 -7.98 16.55 22.23
N ASN A 277 -7.75 17.10 23.43
CA ASN A 277 -8.83 17.46 24.34
C ASN A 277 -9.76 16.26 24.60
N THR A 278 -9.16 15.12 24.96
CA THR A 278 -9.91 13.89 25.14
C THR A 278 -9.46 13.19 26.41
N ASP A 279 -10.40 12.49 27.04
CA ASP A 279 -10.08 11.67 28.20
C ASP A 279 -9.51 10.31 27.83
N GLY A 280 -9.73 9.86 26.59
CA GLY A 280 -9.20 8.60 26.13
C GLY A 280 -10.10 7.93 25.11
N PRO A 281 -9.83 6.65 24.83
CA PRO A 281 -10.62 5.94 23.82
C PRO A 281 -12.09 5.91 24.18
N GLY A 282 -12.95 6.14 23.20
CA GLY A 282 -14.38 6.14 23.40
C GLY A 282 -14.95 7.39 24.02
N LYS A 283 -14.10 8.36 24.37
CA LYS A 283 -14.51 9.62 24.97
C LYS A 283 -14.49 10.73 23.93
N PRO A 284 -15.28 11.79 24.12
CA PRO A 284 -15.29 12.89 23.14
C PRO A 284 -13.90 13.51 23.02
N PHE A 285 -13.63 14.06 21.85
CA PHE A 285 -12.39 14.79 21.62
C PHE A 285 -12.70 16.06 20.84
N ASN A 286 -11.75 16.99 20.88
CA ASN A 286 -11.88 18.25 20.15
C ASN A 286 -10.56 18.53 19.45
N GLY A 287 -10.56 18.37 18.12
CA GLY A 287 -9.37 18.63 17.33
C GLY A 287 -8.40 17.46 17.31
N VAL A 288 -7.43 17.55 16.41
CA VAL A 288 -6.43 16.51 16.25
C VAL A 288 -5.01 17.02 16.44
N GLY A 289 -4.85 18.30 16.63
CA GLY A 289 -3.55 18.86 16.81
C GLY A 289 -2.67 18.90 15.60
N GLN A 290 -1.39 18.98 15.86
CA GLN A 290 -0.46 19.01 14.79
C GLN A 290 -0.11 17.57 14.26
N GLY A 291 0.91 17.52 13.45
CA GLY A 291 1.32 16.27 12.86
C GLY A 291 2.66 16.36 12.11
N SER A 292 3.07 15.27 11.51
CA SER A 292 4.31 15.27 10.75
C SER A 292 4.15 15.97 9.42
N TRP A 293 3.24 15.46 8.58
CA TRP A 293 3.01 16.00 7.25
C TRP A 293 1.60 16.51 7.04
N GLU A 294 0.65 16.09 7.87
CA GLU A 294 -0.67 16.69 7.95
C GLU A 294 -1.10 16.69 9.40
N ASN A 295 -1.98 17.63 9.74
CA ASN A 295 -2.45 17.74 11.12
C ASN A 295 -3.09 16.44 11.58
N GLY A 296 -2.75 16.02 12.79
CA GLY A 296 -3.36 14.86 13.40
C GLY A 296 -2.78 13.52 12.99
N VAL A 297 -1.79 13.49 12.12
CA VAL A 297 -1.15 12.26 11.67
C VAL A 297 0.34 12.36 11.92
N TRP A 298 0.88 11.39 12.66
CA TRP A 298 2.29 11.39 13.07
C TRP A 298 2.99 10.17 12.49
N ASP A 299 4.19 10.38 11.95
CA ASP A 299 5.04 9.26 11.56
C ASP A 299 5.26 8.33 12.75
N TYR A 300 5.29 7.03 12.48
CA TYR A 300 5.57 6.07 13.55
C TYR A 300 6.92 6.37 14.20
N LYS A 301 7.92 6.78 13.41
CA LYS A 301 9.22 7.08 13.98
C LYS A 301 9.22 8.33 14.84
N ALA A 302 8.14 9.10 14.85
CA ALA A 302 8.01 10.22 15.78
C ALA A 302 7.26 9.86 17.04
N LEU A 303 6.90 8.58 17.22
CA LEU A 303 6.07 8.12 18.30
C LEU A 303 6.81 7.10 19.16
N PRO A 304 6.46 6.97 20.46
CA PRO A 304 5.47 7.78 21.16
C PRO A 304 6.03 9.14 21.57
N PRO A 305 5.16 10.12 21.80
CA PRO A 305 5.63 11.44 22.19
C PRO A 305 6.29 11.40 23.56
N ALA A 306 7.23 12.31 23.78
CA ALA A 306 7.88 12.43 25.07
C ALA A 306 6.85 12.75 26.15
N GLY A 307 6.88 12.01 27.25
CA GLY A 307 6.01 12.25 28.37
C GLY A 307 4.69 11.52 28.33
N ALA A 308 4.35 10.87 27.22
CA ALA A 308 3.12 10.11 27.11
C ALA A 308 3.35 8.66 27.51
N SER A 309 2.31 8.03 28.05
CA SER A 309 2.36 6.63 28.42
C SER A 309 1.71 5.79 27.33
N VAL A 310 2.27 4.61 27.09
CA VAL A 310 1.79 3.72 26.04
C VAL A 310 0.93 2.62 26.66
N SER A 311 -0.28 2.45 26.13
CA SER A 311 -1.19 1.40 26.56
C SER A 311 -1.28 0.34 25.45
N GLU A 312 -1.26 -0.92 25.86
CA GLU A 312 -1.34 -2.04 24.93
C GLU A 312 -2.62 -2.81 25.21
N LEU A 313 -3.51 -2.85 24.22
CA LEU A 313 -4.76 -3.61 24.33
C LEU A 313 -4.58 -4.91 23.53
N ARG A 314 -4.03 -5.93 24.19
CA ARG A 314 -3.86 -7.22 23.54
C ARG A 314 -5.19 -7.84 23.14
N SER A 315 -6.28 -7.46 23.80
CA SER A 315 -7.58 -8.06 23.52
C SER A 315 -8.05 -7.76 22.09
N ILE A 316 -7.74 -6.58 21.57
CA ILE A 316 -8.23 -6.16 20.26
C ILE A 316 -7.10 -5.89 19.27
N GLY A 317 -5.85 -6.11 19.65
CA GLY A 317 -4.74 -5.85 18.77
C GLY A 317 -4.55 -4.38 18.48
N ALA A 318 -4.48 -3.55 19.53
CA ALA A 318 -4.34 -2.13 19.33
C ALA A 318 -3.52 -1.53 20.48
N SER A 319 -2.96 -0.35 20.21
CA SER A 319 -2.19 0.36 21.21
C SER A 319 -2.36 1.85 21.00
N TYR A 320 -2.01 2.64 22.02
CA TYR A 320 -2.10 4.09 21.89
C TYR A 320 -1.24 4.74 22.97
N SER A 321 -0.73 5.92 22.64
CA SER A 321 -0.08 6.78 23.62
C SER A 321 -1.12 7.73 24.19
N TYR A 322 -0.94 8.08 25.47
CA TYR A 322 -1.84 9.04 26.10
C TYR A 322 -1.05 9.93 27.04
N ASP A 323 -1.19 11.23 26.85
CA ASP A 323 -0.60 12.24 27.73
C ASP A 323 -1.74 12.86 28.51
N ALA A 324 -1.84 12.52 29.80
CA ALA A 324 -2.96 12.98 30.61
C ALA A 324 -2.91 14.49 30.81
N GLY A 325 -1.69 15.05 30.95
CA GLY A 325 -1.59 16.49 31.13
C GLY A 325 -2.07 17.26 29.91
N LYS A 326 -1.78 16.75 28.72
CA LYS A 326 -2.21 17.42 27.50
C LYS A 326 -3.55 16.90 26.98
N LYS A 327 -4.07 15.83 27.58
CA LYS A 327 -5.33 15.23 27.16
C LYS A 327 -5.28 14.83 25.68
N THR A 328 -4.17 14.21 25.28
CA THR A 328 -3.93 13.83 23.90
C THR A 328 -3.73 12.33 23.80
N MET A 329 -4.47 11.70 22.89
CA MET A 329 -4.35 10.28 22.59
C MET A 329 -3.89 10.12 21.15
N ILE A 330 -2.96 9.20 20.91
CA ILE A 330 -2.50 8.90 19.56
C ILE A 330 -2.61 7.41 19.33
N SER A 331 -3.44 7.02 18.36
CA SER A 331 -3.64 5.62 18.00
C SER A 331 -2.60 5.23 16.96
N TYR A 332 -1.65 4.38 17.37
CA TYR A 332 -0.60 3.88 16.50
C TYR A 332 -0.22 2.48 16.99
N ASP A 333 0.47 1.74 16.11
CA ASP A 333 0.86 0.36 16.40
C ASP A 333 2.26 0.32 17.02
N THR A 334 2.36 -0.25 18.21
CA THR A 334 3.65 -0.56 18.80
C THR A 334 4.20 -1.84 18.19
N PRO A 335 5.48 -2.17 18.43
CA PRO A 335 5.97 -3.49 18.01
C PRO A 335 5.15 -4.64 18.56
N ALA A 336 4.66 -4.54 19.79
CA ALA A 336 3.83 -5.60 20.35
C ALA A 336 2.58 -5.83 19.51
N VAL A 337 1.96 -4.74 19.05
CA VAL A 337 0.76 -4.88 18.22
C VAL A 337 1.12 -5.45 16.86
N ALA A 338 2.26 -5.01 16.29
CA ALA A 338 2.71 -5.57 15.02
C ALA A 338 2.90 -7.08 15.13
N ARG A 339 3.43 -7.56 16.26
N ARG A 339 3.42 -7.55 16.25
CA ARG A 339 3.58 -9.00 16.44
CA ARG A 339 3.58 -8.98 16.44
C ARG A 339 2.23 -9.69 16.53
C ARG A 339 2.23 -9.68 16.52
N GLN A 340 1.25 -9.06 17.19
CA GLN A 340 -0.10 -9.61 17.22
C GLN A 340 -0.68 -9.74 15.83
N LYS A 341 -0.47 -8.73 14.99
CA LYS A 341 -0.99 -8.78 13.63
C LYS A 341 -0.22 -9.81 12.80
N ALA A 342 1.07 -9.99 13.08
CA ALA A 342 1.80 -11.07 12.44
C ALA A 342 1.26 -12.44 12.86
N ASP A 343 0.95 -12.60 14.16
CA ASP A 343 0.30 -13.84 14.61
C ASP A 343 -1.05 -14.01 13.94
N TYR A 344 -1.78 -12.91 13.76
CA TYR A 344 -3.07 -12.96 13.08
C TYR A 344 -2.90 -13.41 11.63
N ILE A 345 -1.89 -12.88 10.95
CA ILE A 345 -1.61 -13.27 9.57
C ILE A 345 -1.35 -14.76 9.47
N ARG A 346 -0.53 -15.31 10.38
CA ARG A 346 -0.23 -16.74 10.31
C ARG A 346 -1.42 -17.58 10.73
N SER A 347 -2.13 -17.16 11.77
CA SER A 347 -3.27 -17.93 12.26
C SER A 347 -4.37 -18.01 11.21
N LYS A 348 -4.65 -16.90 10.52
CA LYS A 348 -5.68 -16.87 9.50
C LYS A 348 -5.20 -17.37 8.14
N GLY A 349 -3.91 -17.64 7.98
CA GLY A 349 -3.40 -18.02 6.69
C GLY A 349 -3.47 -16.91 5.67
N LEU A 350 -3.30 -15.66 6.10
CA LEU A 350 -3.32 -14.55 5.16
C LEU A 350 -2.06 -14.58 4.29
N GLY A 351 -2.09 -13.80 3.22
CA GLY A 351 -0.99 -13.79 2.27
C GLY A 351 0.24 -13.04 2.74
N GLY A 352 0.10 -12.16 3.71
CA GLY A 352 1.25 -11.42 4.19
C GLY A 352 0.83 -10.07 4.73
N ALA A 353 1.79 -9.14 4.68
CA ALA A 353 1.68 -7.84 5.31
C ALA A 353 1.89 -6.74 4.28
N MET A 354 1.22 -5.60 4.50
CA MET A 354 1.43 -4.40 3.70
C MET A 354 1.56 -3.20 4.63
N TRP A 355 2.36 -2.21 4.24
CA TRP A 355 2.55 -1.01 5.04
C TRP A 355 2.41 0.26 4.21
N TRP A 356 1.82 1.28 4.83
CA TRP A 356 1.83 2.65 4.33
C TRP A 356 2.40 3.54 5.42
N GLU A 357 3.53 4.20 5.16
CA GLU A 357 4.38 4.01 3.98
C GLU A 357 5.82 4.05 4.46
N THR A 358 6.78 3.70 3.59
CA THR A 358 8.12 3.30 4.06
C THR A 358 8.81 4.39 4.87
N SER A 359 8.58 5.66 4.52
CA SER A 359 9.34 6.73 5.19
C SER A 359 9.01 6.85 6.67
N GLY A 360 7.89 6.29 7.12
CA GLY A 360 7.47 6.47 8.50
C GLY A 360 8.05 5.51 9.52
N ASP A 361 8.70 4.44 9.06
CA ASP A 361 9.14 3.39 9.96
C ASP A 361 10.39 3.81 10.72
N LYS A 362 10.58 3.22 11.89
CA LYS A 362 11.83 3.39 12.63
C LYS A 362 12.91 2.51 12.02
N VAL A 363 14.15 2.86 12.31
CA VAL A 363 15.29 2.07 11.89
C VAL A 363 15.75 1.23 13.08
N GLY A 364 16.24 0.03 12.79
CA GLY A 364 16.74 -0.84 13.84
C GLY A 364 15.69 -1.76 14.41
N VAL A 365 15.84 -2.12 15.68
CA VAL A 365 15.00 -3.16 16.27
C VAL A 365 13.55 -2.71 16.39
N GLU A 366 13.29 -1.41 16.49
CA GLU A 366 11.93 -0.92 16.63
C GLU A 366 11.19 -0.79 15.31
N SER A 367 11.83 -1.14 14.19
CA SER A 367 11.15 -1.15 12.91
C SER A 367 9.94 -2.10 12.96
N LEU A 368 8.78 -1.59 12.56
CA LEU A 368 7.60 -2.44 12.54
C LEU A 368 7.70 -3.47 11.42
N ILE A 369 8.30 -3.10 10.29
CA ILE A 369 8.48 -4.04 9.19
C ILE A 369 9.36 -5.21 9.63
N SER A 370 10.51 -4.90 10.23
CA SER A 370 11.40 -5.95 10.72
C SER A 370 10.74 -6.76 11.82
N THR A 371 9.94 -6.10 12.65
CA THR A 371 9.24 -6.80 13.74
C THR A 371 8.26 -7.83 13.19
N VAL A 372 7.49 -7.45 12.18
CA VAL A 372 6.53 -8.37 11.59
C VAL A 372 7.24 -9.53 10.90
N VAL A 373 8.30 -9.23 10.15
CA VAL A 373 9.03 -10.28 9.43
C VAL A 373 9.59 -11.31 10.42
N ASP A 374 10.07 -10.85 11.57
CA ASP A 374 10.55 -11.76 12.59
C ASP A 374 9.43 -12.68 13.08
N SER A 375 8.29 -12.10 13.46
CA SER A 375 7.18 -12.91 13.97
C SER A 375 6.59 -13.84 12.91
N LEU A 376 6.76 -13.52 11.62
CA LEU A 376 6.30 -14.43 10.58
C LEU A 376 7.21 -15.63 10.41
N GLY A 377 8.39 -15.62 11.02
CA GLY A 377 9.36 -16.70 10.88
C GLY A 377 10.69 -16.29 10.28
N GLY A 378 10.91 -15.01 10.02
CA GLY A 378 12.18 -14.55 9.50
C GLY A 378 12.24 -14.56 7.99
N ILE A 379 13.47 -14.44 7.48
CA ILE A 379 13.69 -14.32 6.05
C ILE A 379 13.20 -15.58 5.33
N GLY A 380 13.41 -16.75 5.94
CA GLY A 380 12.99 -18.00 5.32
C GLY A 380 11.49 -18.13 5.15
N ALA A 381 10.71 -17.31 5.84
CA ALA A 381 9.26 -17.38 5.75
C ALA A 381 8.68 -16.45 4.68
N LEU A 382 9.52 -15.78 3.90
CA LEU A 382 9.07 -14.78 2.94
C LEU A 382 8.98 -15.37 1.53
N ASP A 383 8.12 -14.77 0.72
CA ASP A 383 7.95 -15.17 -0.67
C ASP A 383 9.27 -15.08 -1.42
N LYS A 384 9.60 -16.12 -2.20
CA LYS A 384 10.87 -16.17 -2.90
C LYS A 384 10.73 -16.12 -4.42
N SER A 385 9.55 -15.81 -4.94
CA SER A 385 9.39 -15.72 -6.39
C SER A 385 10.31 -14.65 -6.96
N VAL A 386 10.92 -14.95 -8.11
CA VAL A 386 11.91 -14.05 -8.70
C VAL A 386 11.20 -12.95 -9.49
N ASN A 387 11.81 -11.76 -9.52
CA ASN A 387 11.29 -10.65 -10.29
C ASN A 387 11.70 -10.81 -11.76
N HIS A 388 11.28 -9.85 -12.58
CA HIS A 388 11.57 -9.83 -14.00
C HIS A 388 12.52 -8.68 -14.30
N LEU A 389 13.57 -8.99 -15.08
CA LEU A 389 14.58 -8.00 -15.39
C LEU A 389 14.63 -7.56 -16.85
N GLU A 390 14.05 -8.31 -17.77
CA GLU A 390 14.20 -8.01 -19.18
C GLU A 390 12.98 -7.28 -19.70
N TYR A 391 13.22 -6.10 -20.29
CA TYR A 391 12.16 -5.24 -20.83
C TYR A 391 12.59 -4.78 -22.21
N PRO A 392 12.47 -5.65 -23.22
CA PRO A 392 13.06 -5.36 -24.53
C PRO A 392 12.29 -4.35 -25.37
N GLU A 393 11.06 -4.01 -25.00
CA GLU A 393 10.26 -3.05 -25.75
C GLU A 393 10.39 -1.63 -25.21
N SER A 394 11.18 -1.43 -24.16
CA SER A 394 11.26 -0.12 -23.53
C SER A 394 11.84 0.91 -24.47
N GLN A 395 11.30 2.14 -24.42
CA GLN A 395 11.85 3.24 -25.19
C GLN A 395 13.20 3.69 -24.64
N TYR A 396 13.55 3.30 -23.43
CA TYR A 396 14.77 3.76 -22.77
C TYR A 396 15.89 2.76 -22.99
N ASP A 397 17.05 3.27 -23.43
CA ASP A 397 18.16 2.40 -23.78
C ASP A 397 18.71 1.66 -22.56
N ASN A 398 18.80 2.34 -21.41
CA ASN A 398 19.36 1.68 -20.24
C ASN A 398 18.41 0.62 -19.69
N VAL A 399 17.10 0.80 -19.84
CA VAL A 399 16.17 -0.26 -19.46
C VAL A 399 16.33 -1.46 -20.38
N LYS A 400 16.39 -1.23 -21.69
CA LYS A 400 16.58 -2.32 -22.65
C LYS A 400 17.89 -3.05 -22.40
N LYS A 401 18.96 -2.32 -22.10
CA LYS A 401 20.26 -2.94 -21.88
C LYS A 401 20.39 -3.55 -20.48
N GLY A 402 19.61 -3.09 -19.52
CA GLY A 402 19.64 -3.66 -18.18
C GLY A 402 20.53 -2.96 -17.18
N PHE A 403 20.91 -1.71 -17.42
CA PHE A 403 21.74 -0.94 -16.49
C PHE A 403 23.06 -1.64 -16.19
#